data_6Z8L
#
_entry.id   6Z8L
#
_cell.length_a   51.873
_cell.length_b   73.729
_cell.length_c   135.207
_cell.angle_alpha   90.000
_cell.angle_beta   90.000
_cell.angle_gamma   90.000
#
_symmetry.space_group_name_H-M   'P 21 21 21'
#
loop_
_entity.id
_entity.type
_entity.pdbx_description
1 polymer 'Pancreatic alpha-amylase'
2 branched alpha-D-glucopyranose-(1-4)-alpha-D-glucopyranose
3 non-polymer alpha-D-glucopyranose
4 non-polymer 'CALCIUM ION'
5 non-polymer 'CHLORIDE ION'
6 water water
#
_entity_poly.entity_id   1
_entity_poly.type   'polypeptide(L)'
_entity_poly.pdbx_seq_one_letter_code
;(PCA)YSPNTQQGRTSIVHLFEWRWVDIALECERYLAPKGFGGVQVSPPNENVAIYNPFRPWWERYQPVSYKLCTRSGNE
DEFRNMVTRCNNVGVRIYVDAVINHMCGNAVSAGTSSTCGSYFNPGSRDFPAVPYSGWDFNDGKCKTGSGDIENYNDATQ
VRDCRLTGLLDLALEKDYVRSKIAEYMNHLIDIGVAGFRLDASKHMWPGDIKAILDKLHNLNSNWFPAGSKPFIYQEVID
LGGEPIKSSDYFGNGRVTEFKYGAKLGTVIRKWNGEKMSYLKNWGEGWGFMPSDRALVFVDNHDNQRGHGAGGASILTFW
DARLYKMAVGFMLAHPYGFTRVMSSYRWPRQFQNGNDVNDWVGPPNNNGVIKEVTINPDTTCGNDWVCEHRWRQIRNMVI
FRNVVDGQPFTNWYDNGSNQVAFGRGNRGFIVFNNDDWSFSLTLQTGLPAGTYCDVISGDKINGNCTGIKIYVSDDGKAH
FSISNSAEDPFIAIHAESKL
;
_entity_poly.pdbx_strand_id   A
#
# COMPACT_ATOMS: atom_id res chain seq x y z
N TYR A 2 -14.84 7.67 -1.24
CA TYR A 2 -14.35 7.17 0.03
C TYR A 2 -14.54 5.66 0.24
N SER A 3 -15.52 5.08 -0.47
CA SER A 3 -15.82 3.63 -0.37
C SER A 3 -14.82 2.83 -1.19
N PRO A 4 -14.29 1.68 -0.69
CA PRO A 4 -13.25 1.03 -1.48
C PRO A 4 -13.83 0.30 -2.67
N ASN A 5 -15.12 -0.01 -2.68
CA ASN A 5 -15.76 -0.83 -3.70
C ASN A 5 -15.30 -2.27 -3.70
N THR A 6 -14.72 -2.74 -2.59
CA THR A 6 -14.42 -4.16 -2.44
C THR A 6 -15.71 -4.92 -2.23
N GLN A 7 -15.65 -6.23 -2.46
CA GLN A 7 -16.76 -7.09 -2.07
C GLN A 7 -16.98 -6.99 -0.58
N GLN A 8 -18.23 -7.14 -0.16
CA GLN A 8 -18.53 -7.15 1.26
C GLN A 8 -17.80 -8.32 1.91
N GLY A 9 -17.16 -8.05 3.05
CA GLY A 9 -16.39 -9.06 3.74
C GLY A 9 -14.94 -9.17 3.32
N ARG A 10 -14.48 -8.26 2.46
CA ARG A 10 -13.08 -8.14 2.11
C ARG A 10 -12.63 -6.73 2.45
N THR A 11 -11.55 -6.60 3.21
CA THR A 11 -11.23 -5.34 3.90
C THR A 11 -9.83 -4.79 3.68
N SER A 12 -8.98 -5.44 2.86
CA SER A 12 -7.63 -4.94 2.62
C SER A 12 -7.28 -4.95 1.14
N ILE A 13 -6.31 -4.10 0.80
CA ILE A 13 -5.64 -4.06 -0.49
C ILE A 13 -4.21 -4.55 -0.29
N VAL A 14 -3.69 -5.26 -1.31
CA VAL A 14 -2.27 -5.64 -1.36
C VAL A 14 -1.59 -4.89 -2.50
N HIS A 15 -0.44 -4.30 -2.23
CA HIS A 15 0.35 -3.68 -3.29
C HIS A 15 1.24 -4.76 -3.90
N LEU A 16 0.92 -5.21 -5.12
CA LEU A 16 1.77 -6.17 -5.84
C LEU A 16 2.79 -5.40 -6.68
N PHE A 17 3.77 -4.84 -5.96
CA PHE A 17 4.72 -3.88 -6.50
C PHE A 17 5.56 -4.50 -7.63
N GLU A 18 5.44 -3.91 -8.82
CA GLU A 18 6.17 -4.27 -10.04
C GLU A 18 5.74 -5.61 -10.62
N TRP A 19 4.68 -6.22 -10.07
CA TRP A 19 4.22 -7.47 -10.68
C TRP A 19 3.66 -7.25 -12.08
N ARG A 20 3.85 -8.28 -12.91
CA ARG A 20 3.31 -8.35 -14.25
C ARG A 20 1.81 -8.65 -14.22
N TRP A 21 1.10 -8.10 -15.19
CA TRP A 21 -0.36 -8.28 -15.24
C TRP A 21 -0.76 -9.73 -15.30
N VAL A 22 -0.05 -10.55 -16.08
CA VAL A 22 -0.46 -11.96 -16.18
C VAL A 22 -0.27 -12.66 -14.85
N ASP A 23 0.71 -12.24 -14.05
CA ASP A 23 0.93 -12.86 -12.75
C ASP A 23 -0.13 -12.42 -11.77
N ILE A 24 -0.52 -11.15 -11.79
CA ILE A 24 -1.61 -10.67 -10.94
C ILE A 24 -2.92 -11.37 -11.27
N ALA A 25 -3.23 -11.54 -12.57
CA ALA A 25 -4.46 -12.22 -12.97
C ALA A 25 -4.51 -13.61 -12.34
N LEU A 26 -3.43 -14.36 -12.47
CA LEU A 26 -3.39 -15.70 -11.88
C LEU A 26 -3.50 -15.61 -10.37
N GLU A 27 -2.80 -14.66 -9.76
CA GLU A 27 -2.82 -14.51 -8.31
C GLU A 27 -4.23 -14.25 -7.79
N CYS A 28 -4.99 -13.44 -8.52
CA CYS A 28 -6.38 -13.19 -8.14
C CYS A 28 -7.14 -14.48 -8.04
N GLU A 29 -7.01 -15.32 -9.06
CA GLU A 29 -7.80 -16.53 -9.14
C GLU A 29 -7.33 -17.60 -8.15
N ARG A 30 -6.03 -17.78 -8.02
CA ARG A 30 -5.53 -18.92 -7.26
C ARG A 30 -5.31 -18.62 -5.80
N TYR A 31 -5.28 -17.35 -5.41
CA TYR A 31 -4.86 -16.99 -4.08
C TYR A 31 -5.66 -15.84 -3.50
N LEU A 32 -5.72 -14.69 -4.16
CA LEU A 32 -6.31 -13.53 -3.51
C LEU A 32 -7.80 -13.72 -3.25
N ALA A 33 -8.54 -14.25 -4.22
CA ALA A 33 -9.96 -14.47 -3.99
C ALA A 33 -10.22 -15.51 -2.90
N PRO A 34 -9.67 -16.72 -2.95
CA PRO A 34 -9.97 -17.67 -1.87
C PRO A 34 -9.47 -17.23 -0.52
N LYS A 35 -8.46 -16.35 -0.44
CA LYS A 35 -7.94 -15.89 0.85
C LYS A 35 -8.58 -14.58 1.29
N GLY A 36 -9.57 -14.09 0.56
CA GLY A 36 -10.33 -12.95 1.03
C GLY A 36 -9.67 -11.60 0.96
N PHE A 37 -8.71 -11.44 0.05
CA PHE A 37 -8.14 -10.12 -0.21
C PHE A 37 -9.12 -9.23 -0.99
N GLY A 38 -9.22 -7.96 -0.62
CA GLY A 38 -10.16 -7.07 -1.26
C GLY A 38 -9.72 -6.56 -2.61
N GLY A 39 -8.43 -6.36 -2.80
CA GLY A 39 -7.99 -5.84 -4.09
C GLY A 39 -6.49 -5.68 -4.11
N VAL A 40 -6.00 -5.20 -5.26
CA VAL A 40 -4.59 -5.10 -5.58
C VAL A 40 -4.32 -3.67 -6.03
N GLN A 41 -3.29 -3.05 -5.46
CA GLN A 41 -2.72 -1.84 -6.04
C GLN A 41 -1.65 -2.27 -7.03
N VAL A 42 -1.77 -1.80 -8.26
CA VAL A 42 -0.82 -2.11 -9.33
C VAL A 42 0.14 -0.97 -9.52
N SER A 43 1.34 -1.30 -9.99
CA SER A 43 2.30 -0.29 -10.42
C SER A 43 1.74 0.52 -11.60
N PRO A 44 2.24 1.74 -11.81
CA PRO A 44 1.68 2.61 -12.85
C PRO A 44 1.56 1.88 -14.19
N PRO A 45 0.38 1.84 -14.80
CA PRO A 45 0.22 1.01 -16.01
C PRO A 45 0.48 1.76 -17.31
N ASN A 46 0.82 3.04 -17.20
CA ASN A 46 1.10 3.88 -18.34
C ASN A 46 2.59 3.89 -18.69
N GLU A 47 2.86 4.12 -19.97
CA GLU A 47 4.21 4.12 -20.51
C GLU A 47 5.11 5.10 -19.79
N ASN A 48 6.32 4.65 -19.49
CA ASN A 48 7.30 5.42 -18.76
C ASN A 48 8.65 5.41 -19.49
N VAL A 49 9.56 6.27 -19.01
CA VAL A 49 10.92 6.29 -19.51
C VAL A 49 11.63 4.99 -19.15
N ALA A 50 12.32 4.41 -20.13
CA ALA A 50 13.25 3.31 -19.87
C ALA A 50 14.59 3.94 -19.50
N ILE A 51 14.94 3.88 -18.23
CA ILE A 51 16.14 4.52 -17.69
C ILE A 51 17.25 3.48 -17.72
N TYR A 52 18.37 3.79 -18.35
CA TYR A 52 19.41 2.78 -18.41
C TYR A 52 20.58 3.04 -17.48
N ASN A 53 20.65 4.21 -16.85
CA ASN A 53 21.64 4.50 -15.82
C ASN A 53 20.90 5.11 -14.64
N PRO A 54 20.71 4.40 -13.52
CA PRO A 54 21.13 3.02 -13.32
C PRO A 54 20.18 2.11 -14.09
N PHE A 55 20.43 0.81 -14.02
CA PHE A 55 19.76 -0.13 -14.93
C PHE A 55 18.32 -0.44 -14.52
N ARG A 56 17.37 0.19 -15.21
CA ARG A 56 15.95 -0.10 -15.07
C ARG A 56 15.48 -0.02 -13.61
N PRO A 57 15.67 1.13 -12.97
CA PRO A 57 15.27 1.29 -11.57
C PRO A 57 13.77 1.18 -11.41
N TRP A 58 13.32 0.83 -10.20
CA TRP A 58 11.88 0.85 -9.96
C TRP A 58 11.31 2.23 -10.24
N TRP A 59 12.07 3.28 -9.93
CA TRP A 59 11.51 4.61 -10.00
C TRP A 59 11.36 5.13 -11.42
N GLU A 60 11.81 4.40 -12.45
CA GLU A 60 11.50 4.85 -13.82
C GLU A 60 10.01 4.90 -14.06
N ARG A 61 9.22 4.10 -13.33
CA ARG A 61 7.78 4.06 -13.54
C ARG A 61 7.08 5.28 -12.99
N TYR A 62 7.80 6.17 -12.32
CA TYR A 62 7.26 7.44 -11.86
C TYR A 62 7.65 8.56 -12.79
N GLN A 63 8.10 8.23 -14.02
CA GLN A 63 8.45 9.21 -15.06
C GLN A 63 7.67 8.91 -16.34
N PRO A 64 6.44 9.39 -16.43
CA PRO A 64 5.61 9.08 -17.59
C PRO A 64 6.14 9.65 -18.89
N VAL A 65 5.85 8.92 -19.97
CA VAL A 65 6.07 9.34 -21.36
C VAL A 65 4.75 9.47 -22.11
N SER A 66 3.77 8.65 -21.78
CA SER A 66 2.45 8.75 -22.38
C SER A 66 1.45 8.05 -21.47
N TYR A 67 0.19 7.98 -21.92
CA TYR A 67 -0.84 7.24 -21.21
C TYR A 67 -1.18 5.94 -21.91
N LYS A 68 -0.36 5.49 -22.86
CA LYS A 68 -0.50 4.15 -23.41
C LYS A 68 -0.23 3.11 -22.33
N LEU A 69 -1.03 2.04 -22.31
CA LEU A 69 -0.97 1.03 -21.26
C LEU A 69 0.06 -0.02 -21.66
N CYS A 70 1.33 0.34 -21.51
CA CYS A 70 2.40 -0.44 -22.11
C CYS A 70 3.65 -0.25 -21.26
N THR A 71 3.97 -1.23 -20.45
CA THR A 71 5.01 -1.14 -19.42
C THR A 71 5.71 -2.48 -19.29
N ARG A 72 6.68 -2.57 -18.37
CA ARG A 72 7.30 -3.85 -18.07
C ARG A 72 6.33 -4.82 -17.41
N SER A 73 5.20 -4.34 -16.87
CA SER A 73 4.19 -5.28 -16.38
C SER A 73 3.36 -5.88 -17.49
N GLY A 74 3.29 -5.27 -18.64
CA GLY A 74 2.56 -5.83 -19.77
C GLY A 74 1.92 -4.75 -20.62
N ASN A 75 1.19 -5.21 -21.63
CA ASN A 75 0.50 -4.34 -22.59
C ASN A 75 -0.97 -4.19 -22.23
N GLU A 76 -1.72 -3.49 -23.07
CA GLU A 76 -3.10 -3.17 -22.74
C GLU A 76 -3.95 -4.43 -22.71
N ASP A 77 -3.69 -5.37 -23.62
CA ASP A 77 -4.46 -6.61 -23.63
C ASP A 77 -4.28 -7.37 -22.34
N GLU A 78 -3.03 -7.47 -21.89
CA GLU A 78 -2.75 -8.14 -20.62
C GLU A 78 -3.37 -7.39 -19.44
N PHE A 79 -3.32 -6.06 -19.45
CA PHE A 79 -3.91 -5.27 -18.38
C PHE A 79 -5.42 -5.50 -18.32
N ARG A 80 -6.08 -5.43 -19.48
CA ARG A 80 -7.51 -5.68 -19.54
C ARG A 80 -7.86 -7.08 -19.07
N ASN A 81 -7.07 -8.08 -19.50
CA ASN A 81 -7.30 -9.47 -19.09
C ASN A 81 -7.22 -9.61 -17.58
N MET A 82 -6.24 -8.94 -16.97
CA MET A 82 -6.08 -8.99 -15.51
C MET A 82 -7.27 -8.36 -14.79
N VAL A 83 -7.69 -7.15 -15.21
CA VAL A 83 -8.78 -6.48 -14.52
C VAL A 83 -10.05 -7.34 -14.62
N THR A 84 -10.31 -7.91 -15.78
CA THR A 84 -11.50 -8.74 -15.97
C THR A 84 -11.44 -9.98 -15.10
N ARG A 85 -10.33 -10.69 -15.13
CA ARG A 85 -10.23 -11.94 -14.36
C ARG A 85 -10.30 -11.67 -12.86
N CYS A 86 -9.67 -10.58 -12.39
CA CYS A 86 -9.73 -10.25 -10.97
C CYS A 86 -11.15 -9.87 -10.57
N ASN A 87 -11.79 -8.96 -11.29
CA ASN A 87 -13.17 -8.59 -10.94
C ASN A 87 -14.08 -9.80 -10.95
N ASN A 88 -13.86 -10.74 -11.91
CA ASN A 88 -14.74 -11.91 -12.01
C ASN A 88 -14.61 -12.85 -10.82
N VAL A 89 -13.55 -12.76 -10.02
CA VAL A 89 -13.45 -13.48 -8.77
C VAL A 89 -13.58 -12.57 -7.54
N GLY A 90 -14.04 -11.33 -7.73
CA GLY A 90 -14.32 -10.45 -6.61
C GLY A 90 -13.12 -9.74 -6.03
N VAL A 91 -12.05 -9.56 -6.78
CA VAL A 91 -10.84 -8.91 -6.31
C VAL A 91 -10.61 -7.68 -7.18
N ARG A 92 -10.53 -6.52 -6.55
CA ARG A 92 -10.49 -5.27 -7.28
C ARG A 92 -9.07 -4.86 -7.65
N ILE A 93 -8.98 -3.96 -8.62
CA ILE A 93 -7.72 -3.38 -9.07
C ILE A 93 -7.74 -1.88 -8.83
N TYR A 94 -6.67 -1.38 -8.21
CA TYR A 94 -6.51 0.06 -7.93
C TYR A 94 -5.23 0.50 -8.61
N VAL A 95 -5.33 1.55 -9.44
CA VAL A 95 -4.19 1.98 -10.26
C VAL A 95 -3.41 3.10 -9.57
N ASP A 96 -2.08 2.96 -9.55
CA ASP A 96 -1.15 4.04 -9.20
C ASP A 96 -1.13 5.05 -10.33
N ALA A 97 -1.79 6.18 -10.11
CA ALA A 97 -2.01 7.23 -11.12
C ALA A 97 -0.93 8.29 -10.97
N VAL A 98 -0.04 8.39 -11.96
CA VAL A 98 1.11 9.30 -11.93
C VAL A 98 0.72 10.43 -12.87
N ILE A 99 0.18 11.50 -12.27
CA ILE A 99 -0.51 12.57 -12.98
C ILE A 99 0.02 13.96 -12.66
N ASN A 100 0.93 14.09 -11.68
CA ASN A 100 1.51 15.40 -11.38
C ASN A 100 2.52 15.84 -12.43
N HIS A 101 3.15 14.89 -13.11
CA HIS A 101 4.36 15.19 -13.86
C HIS A 101 4.53 14.20 -15.01
N MET A 102 5.41 14.59 -15.95
CA MET A 102 5.98 13.63 -16.88
C MET A 102 7.37 13.27 -16.39
N CYS A 103 8.36 13.18 -17.25
CA CYS A 103 9.65 12.63 -16.81
C CYS A 103 10.60 13.75 -16.38
N GLY A 104 11.81 13.35 -15.98
CA GLY A 104 12.80 14.32 -15.56
C GLY A 104 13.18 15.27 -16.68
N ASN A 105 13.44 16.52 -16.31
CA ASN A 105 13.73 17.51 -17.34
C ASN A 105 15.10 17.29 -17.99
N ALA A 106 15.97 16.48 -17.38
CA ALA A 106 17.31 16.23 -17.90
C ALA A 106 17.40 14.91 -18.67
N VAL A 107 16.30 14.16 -18.76
CA VAL A 107 16.31 12.92 -19.54
C VAL A 107 16.50 13.24 -21.02
N SER A 108 17.32 12.44 -21.70
CA SER A 108 17.58 12.63 -23.12
C SER A 108 16.35 12.33 -23.97
N ALA A 109 16.18 13.11 -25.03
CA ALA A 109 15.12 12.89 -25.99
C ALA A 109 15.39 11.62 -26.80
N GLY A 110 14.33 11.02 -27.27
CA GLY A 110 14.43 9.83 -28.07
C GLY A 110 13.22 8.94 -27.84
N THR A 111 13.43 7.64 -28.03
CA THR A 111 12.39 6.63 -27.89
C THR A 111 12.77 5.62 -26.81
N SER A 112 13.52 6.07 -25.79
CA SER A 112 13.85 5.19 -24.67
C SER A 112 12.72 5.20 -23.66
N SER A 113 11.69 4.44 -24.01
CA SER A 113 10.40 4.44 -23.34
C SER A 113 9.81 3.05 -23.50
N THR A 114 8.92 2.68 -22.59
CA THR A 114 8.49 1.28 -22.52
C THR A 114 7.56 0.85 -23.66
N CYS A 115 7.04 1.79 -24.44
CA CYS A 115 6.33 1.44 -25.65
C CYS A 115 6.98 2.04 -26.89
N GLY A 116 8.17 2.62 -26.77
CA GLY A 116 8.84 3.20 -27.91
C GLY A 116 8.30 4.54 -28.37
N SER A 117 7.41 5.18 -27.62
CA SER A 117 6.98 6.51 -28.04
C SER A 117 8.15 7.49 -27.96
N TYR A 118 8.16 8.43 -28.90
CA TYR A 118 9.12 9.53 -28.90
C TYR A 118 8.74 10.57 -27.85
N PHE A 119 9.74 11.16 -27.21
CA PHE A 119 9.50 12.26 -26.29
C PHE A 119 10.76 13.08 -26.22
N ASN A 120 10.63 14.37 -25.86
CA ASN A 120 11.77 15.28 -25.84
C ASN A 120 11.57 16.16 -24.61
N PRO A 121 12.15 15.77 -23.47
CA PRO A 121 11.96 16.57 -22.25
C PRO A 121 12.44 18.00 -22.38
N GLY A 122 13.59 18.23 -23.02
CA GLY A 122 14.12 19.58 -23.12
C GLY A 122 13.19 20.53 -23.84
N SER A 123 12.44 20.02 -24.83
CA SER A 123 11.51 20.85 -25.58
C SER A 123 10.09 20.67 -25.10
N ARG A 124 9.88 19.91 -24.02
CA ARG A 124 8.57 19.68 -23.42
C ARG A 124 7.62 18.99 -24.37
N ASP A 125 8.16 18.18 -25.31
CA ASP A 125 7.37 17.56 -26.36
C ASP A 125 7.09 16.11 -25.99
N PHE A 126 5.81 15.77 -25.77
CA PHE A 126 5.35 14.40 -25.49
C PHE A 126 4.24 14.09 -26.48
N PRO A 127 4.60 13.86 -27.74
CA PRO A 127 3.57 13.80 -28.81
C PRO A 127 2.63 12.61 -28.69
N ALA A 128 2.94 11.60 -27.89
CA ALA A 128 2.03 10.49 -27.77
C ALA A 128 0.83 10.79 -26.87
N VAL A 129 0.82 11.93 -26.18
CA VAL A 129 -0.33 12.31 -25.36
C VAL A 129 -1.42 13.04 -26.16
N PRO A 130 -1.17 14.21 -26.77
CA PRO A 130 0.06 15.00 -26.80
C PRO A 130 0.10 16.10 -25.75
N TYR A 131 1.31 16.40 -25.30
CA TYR A 131 1.60 17.57 -24.48
C TYR A 131 2.71 18.34 -25.16
N SER A 132 2.69 19.66 -25.01
CA SER A 132 3.74 20.55 -25.50
C SER A 132 4.18 21.45 -24.35
N GLY A 133 5.10 22.37 -24.64
CA GLY A 133 5.56 23.30 -23.63
C GLY A 133 4.45 24.10 -22.99
N TRP A 134 3.34 24.29 -23.69
CA TRP A 134 2.22 25.02 -23.14
C TRP A 134 1.56 24.28 -21.99
N ASP A 135 1.87 23.01 -21.78
CA ASP A 135 1.17 22.15 -20.84
C ASP A 135 1.94 21.93 -19.54
N PHE A 136 3.03 22.68 -19.32
CA PHE A 136 3.84 22.55 -18.10
C PHE A 136 3.89 23.88 -17.37
N ASN A 137 4.26 23.79 -16.09
CA ASN A 137 4.26 24.92 -15.18
C ASN A 137 5.56 25.74 -15.21
N ASP A 138 6.38 25.60 -16.24
CA ASP A 138 7.67 26.32 -16.30
C ASP A 138 7.51 27.82 -16.08
N GLY A 139 6.46 28.42 -16.64
CA GLY A 139 6.23 29.83 -16.46
C GLY A 139 5.55 30.22 -15.17
N LYS A 140 4.96 29.26 -14.46
CA LYS A 140 4.22 29.50 -13.23
C LYS A 140 5.10 29.38 -11.99
N CYS A 141 6.06 28.47 -12.00
CA CYS A 141 6.98 28.31 -10.89
C CYS A 141 7.82 29.55 -10.68
N LYS A 142 8.07 29.92 -9.42
CA LYS A 142 8.78 31.15 -9.10
C LYS A 142 10.17 30.93 -8.52
N THR A 143 10.63 29.69 -8.38
CA THR A 143 11.97 29.51 -7.83
C THR A 143 13.03 29.73 -8.90
N GLY A 144 14.24 30.04 -8.43
CA GLY A 144 15.33 30.28 -9.36
C GLY A 144 15.73 29.05 -10.13
N SER A 145 15.60 27.87 -9.53
CA SER A 145 16.01 26.63 -10.17
C SER A 145 14.92 26.02 -11.05
N GLY A 146 13.67 26.42 -10.85
CA GLY A 146 12.56 25.74 -11.45
C GLY A 146 12.11 24.50 -10.71
N ASP A 147 12.86 24.08 -9.69
CA ASP A 147 12.51 22.92 -8.89
C ASP A 147 11.95 23.34 -7.53
N ILE A 148 11.40 22.36 -6.82
CA ILE A 148 10.98 22.59 -5.45
C ILE A 148 12.22 22.73 -4.59
N GLU A 149 12.28 23.83 -3.83
CA GLU A 149 13.41 24.15 -2.98
C GLU A 149 13.04 24.25 -1.51
N ASN A 150 11.79 24.56 -1.19
CA ASN A 150 11.41 24.95 0.16
C ASN A 150 9.99 24.46 0.42
N TYR A 151 9.85 23.43 1.26
CA TYR A 151 8.53 22.89 1.61
C TYR A 151 7.72 23.82 2.53
N ASN A 152 8.31 24.89 3.05
CA ASN A 152 7.52 25.86 3.78
C ASN A 152 6.69 26.75 2.87
N ASP A 153 6.88 26.65 1.55
CA ASP A 153 6.20 27.48 0.56
C ASP A 153 5.25 26.56 -0.20
N ALA A 154 3.98 26.56 0.20
CA ALA A 154 3.04 25.61 -0.39
C ALA A 154 2.85 25.85 -1.88
N THR A 155 3.04 27.08 -2.36
CA THR A 155 2.83 27.35 -3.77
C THR A 155 3.89 26.67 -4.62
N GLN A 156 5.16 26.78 -4.23
CA GLN A 156 6.21 26.15 -5.03
C GLN A 156 6.13 24.63 -4.94
N VAL A 157 5.69 24.07 -3.82
CA VAL A 157 5.53 22.63 -3.72
C VAL A 157 4.59 22.13 -4.80
N ARG A 158 3.60 22.93 -5.18
CA ARG A 158 2.62 22.54 -6.20
C ARG A 158 2.99 22.94 -7.63
N ASP A 159 3.67 24.07 -7.81
CA ASP A 159 3.88 24.64 -9.13
C ASP A 159 5.27 24.37 -9.70
N CYS A 160 6.18 23.85 -8.90
CA CYS A 160 7.56 23.66 -9.33
C CYS A 160 7.88 22.18 -9.45
N ARG A 161 9.03 21.89 -10.04
CA ARG A 161 9.37 20.52 -10.43
C ARG A 161 9.89 19.74 -9.22
N LEU A 162 9.21 18.66 -8.87
CA LEU A 162 9.67 17.73 -7.82
C LEU A 162 10.93 17.02 -8.34
N THR A 163 12.10 17.35 -7.77
CA THR A 163 13.35 16.70 -8.16
C THR A 163 13.55 16.74 -9.68
N GLY A 164 13.11 17.83 -10.31
CA GLY A 164 13.32 18.00 -11.73
C GLY A 164 12.28 17.36 -12.62
N LEU A 165 11.28 16.67 -12.07
CA LEU A 165 10.22 16.09 -12.89
C LEU A 165 9.35 17.19 -13.49
N LEU A 166 9.17 17.14 -14.82
CA LEU A 166 8.43 18.19 -15.52
C LEU A 166 7.02 18.26 -14.96
N ASP A 167 6.61 19.45 -14.52
CA ASP A 167 5.41 19.60 -13.71
C ASP A 167 4.24 20.00 -14.62
N LEU A 168 3.25 19.12 -14.71
CA LEU A 168 2.12 19.37 -15.60
C LEU A 168 1.26 20.53 -15.11
N ALA A 169 0.74 21.31 -16.05
CA ALA A 169 -0.07 22.49 -15.76
C ALA A 169 -1.50 22.03 -15.51
N LEU A 170 -1.73 21.51 -14.29
CA LEU A 170 -3.01 20.91 -13.92
C LEU A 170 -4.09 21.95 -13.72
N GLU A 171 -3.77 23.22 -13.83
CA GLU A 171 -4.82 24.25 -13.81
C GLU A 171 -5.47 24.43 -15.17
N LYS A 172 -4.96 23.80 -16.22
CA LYS A 172 -5.48 23.97 -17.56
C LYS A 172 -6.49 22.88 -17.86
N ASP A 173 -7.62 23.26 -18.47
CA ASP A 173 -8.62 22.24 -18.80
C ASP A 173 -8.08 21.21 -19.78
N TYR A 174 -7.25 21.60 -20.73
CA TYR A 174 -6.71 20.61 -21.67
C TYR A 174 -5.96 19.50 -20.93
N VAL A 175 -5.07 19.86 -20.01
CA VAL A 175 -4.28 18.89 -19.27
C VAL A 175 -5.19 18.03 -18.39
N ARG A 176 -6.10 18.67 -17.65
CA ARG A 176 -7.05 17.91 -16.85
C ARG A 176 -7.81 16.90 -17.71
N SER A 177 -8.16 17.29 -18.92
CA SER A 177 -8.94 16.42 -19.81
C SER A 177 -8.12 15.25 -20.32
N LYS A 178 -6.83 15.47 -20.63
CA LYS A 178 -6.00 14.33 -21.06
C LYS A 178 -5.81 13.34 -19.93
N ILE A 179 -5.65 13.83 -18.70
CA ILE A 179 -5.54 12.92 -17.57
C ILE A 179 -6.84 12.17 -17.35
N ALA A 180 -7.97 12.88 -17.44
CA ALA A 180 -9.26 12.22 -17.24
C ALA A 180 -9.51 11.17 -18.32
N GLU A 181 -9.08 11.44 -19.55
CA GLU A 181 -9.21 10.47 -20.64
C GLU A 181 -8.50 9.17 -20.26
N TYR A 182 -7.30 9.29 -19.73
CA TYR A 182 -6.53 8.15 -19.27
C TYR A 182 -7.26 7.43 -18.14
N MET A 183 -7.70 8.18 -17.13
CA MET A 183 -8.36 7.55 -16.00
C MET A 183 -9.70 6.93 -16.36
N ASN A 184 -10.43 7.52 -17.32
CA ASN A 184 -11.69 6.93 -17.78
C ASN A 184 -11.46 5.67 -18.58
N HIS A 185 -10.36 5.62 -19.33
CA HIS A 185 -9.96 4.40 -20.02
C HIS A 185 -9.81 3.27 -18.99
N LEU A 186 -9.11 3.56 -17.92
CA LEU A 186 -8.91 2.56 -16.86
C LEU A 186 -10.21 2.22 -16.13
N ILE A 187 -11.02 3.22 -15.77
CA ILE A 187 -12.31 2.94 -15.15
C ILE A 187 -13.14 2.01 -16.03
N ASP A 188 -13.22 2.29 -17.32
CA ASP A 188 -14.10 1.50 -18.16
C ASP A 188 -13.59 0.07 -18.32
N ILE A 189 -12.27 -0.12 -18.27
CA ILE A 189 -11.69 -1.46 -18.24
C ILE A 189 -12.16 -2.22 -17.02
N GLY A 190 -12.39 -1.52 -15.92
CA GLY A 190 -12.92 -2.13 -14.72
C GLY A 190 -12.17 -1.80 -13.43
N VAL A 191 -11.23 -0.85 -13.45
CA VAL A 191 -10.52 -0.49 -12.24
C VAL A 191 -11.47 0.11 -11.21
N ALA A 192 -11.23 -0.17 -9.93
CA ALA A 192 -12.14 0.23 -8.86
C ALA A 192 -11.74 1.54 -8.20
N GLY A 193 -10.57 2.06 -8.52
CA GLY A 193 -10.07 3.24 -7.86
C GLY A 193 -8.61 3.45 -8.16
N PHE A 194 -8.06 4.46 -7.49
CA PHE A 194 -6.73 5.00 -7.78
C PHE A 194 -5.99 5.39 -6.52
N ARG A 195 -4.69 5.09 -6.51
CA ARG A 195 -3.71 5.70 -5.62
C ARG A 195 -3.19 6.89 -6.40
N LEU A 196 -3.41 8.11 -5.91
CA LEU A 196 -2.99 9.31 -6.62
CA LEU A 196 -2.99 9.32 -6.61
C LEU A 196 -1.60 9.69 -6.15
N ASP A 197 -0.60 9.42 -7.00
CA ASP A 197 0.80 9.66 -6.68
C ASP A 197 1.07 11.15 -6.52
N ALA A 198 1.96 11.50 -5.58
CA ALA A 198 2.46 12.86 -5.45
C ALA A 198 1.34 13.88 -5.24
N SER A 199 0.33 13.50 -4.45
CA SER A 199 -0.82 14.38 -4.30
C SER A 199 -0.45 15.72 -3.63
N LYS A 200 0.54 15.74 -2.75
CA LYS A 200 0.94 17.00 -2.11
C LYS A 200 1.41 18.01 -3.13
N HIS A 201 1.87 17.52 -4.29
CA HIS A 201 2.44 18.36 -5.33
C HIS A 201 1.39 18.87 -6.30
N MET A 202 0.13 18.63 -6.01
CA MET A 202 -1.00 19.12 -6.79
C MET A 202 -1.94 19.90 -5.87
N TRP A 203 -2.55 20.94 -6.43
CA TRP A 203 -3.58 21.68 -5.70
C TRP A 203 -4.79 20.78 -5.50
N PRO A 204 -5.37 20.73 -4.30
CA PRO A 204 -6.59 19.94 -4.11
C PRO A 204 -7.67 20.23 -5.14
N GLY A 205 -7.85 21.49 -5.53
CA GLY A 205 -8.87 21.83 -6.51
C GLY A 205 -8.58 21.39 -7.92
N ASP A 206 -7.31 21.23 -8.28
CA ASP A 206 -6.97 20.66 -9.58
C ASP A 206 -7.26 19.17 -9.60
N ILE A 207 -6.91 18.45 -8.52
CA ILE A 207 -7.32 17.06 -8.40
C ILE A 207 -8.83 16.96 -8.51
N LYS A 208 -9.55 17.80 -7.78
CA LYS A 208 -11.00 17.81 -7.87
C LYS A 208 -11.47 17.97 -9.32
N ALA A 209 -10.91 18.96 -10.03
CA ALA A 209 -11.34 19.23 -11.40
C ALA A 209 -11.11 18.01 -12.31
N ILE A 210 -10.09 17.22 -12.07
CA ILE A 210 -9.90 15.97 -12.81
C ILE A 210 -10.94 14.93 -12.41
N LEU A 211 -11.13 14.73 -11.10
CA LEU A 211 -12.07 13.73 -10.66
C LEU A 211 -13.47 14.03 -11.15
N ASP A 212 -13.80 15.31 -11.30
CA ASP A 212 -15.10 15.74 -11.80
C ASP A 212 -15.39 15.21 -13.19
N LYS A 213 -14.36 14.86 -13.93
CA LYS A 213 -14.53 14.42 -15.31
C LYS A 213 -14.66 12.92 -15.41
N LEU A 214 -14.60 12.19 -14.30
CA LEU A 214 -14.49 10.74 -14.39
C LEU A 214 -15.85 10.06 -14.44
N HIS A 215 -15.86 8.93 -15.12
CA HIS A 215 -17.03 8.07 -15.19
C HIS A 215 -17.30 7.41 -13.84
N ASN A 216 -18.53 6.93 -13.69
CA ASN A 216 -18.81 5.92 -12.67
C ASN A 216 -18.19 4.57 -13.05
N LEU A 217 -18.05 3.71 -12.06
CA LEU A 217 -17.38 2.43 -12.28
C LEU A 217 -18.20 1.55 -13.22
N ASN A 218 -17.48 0.59 -13.82
CA ASN A 218 -18.07 -0.29 -14.83
C ASN A 218 -19.31 -1.01 -14.28
N SER A 219 -20.44 -0.77 -14.90
CA SER A 219 -21.72 -1.21 -14.39
C SER A 219 -21.98 -2.72 -14.55
N ASN A 220 -21.08 -3.48 -15.17
CA ASN A 220 -21.20 -4.94 -15.11
C ASN A 220 -20.78 -5.50 -13.76
N TRP A 221 -19.86 -4.84 -13.08
CA TRP A 221 -19.36 -5.33 -11.81
C TRP A 221 -19.77 -4.48 -10.64
N PHE A 222 -20.09 -3.21 -10.86
CA PHE A 222 -20.31 -2.32 -9.75
C PHE A 222 -21.71 -1.74 -9.85
N PRO A 223 -22.42 -1.57 -8.73
CA PRO A 223 -23.75 -0.99 -8.78
C PRO A 223 -23.77 0.37 -9.44
N ALA A 224 -24.90 0.72 -10.05
CA ALA A 224 -25.00 2.00 -10.76
C ALA A 224 -24.69 3.14 -9.80
N GLY A 225 -23.92 4.13 -10.29
CA GLY A 225 -23.53 5.29 -9.49
C GLY A 225 -22.32 5.10 -8.60
N SER A 226 -21.64 3.96 -8.69
CA SER A 226 -20.42 3.75 -7.93
C SER A 226 -19.31 4.68 -8.40
N LYS A 227 -18.57 5.22 -7.47
CA LYS A 227 -17.50 6.15 -7.76
C LYS A 227 -16.17 5.49 -7.50
N PRO A 228 -15.12 5.84 -8.24
CA PRO A 228 -13.80 5.27 -7.95
C PRO A 228 -13.36 5.59 -6.55
N PHE A 229 -12.81 4.59 -5.87
CA PHE A 229 -12.13 4.80 -4.60
C PHE A 229 -10.88 5.62 -4.87
N ILE A 230 -10.72 6.71 -4.15
CA ILE A 230 -9.55 7.57 -4.32
C ILE A 230 -8.77 7.58 -3.02
N TYR A 231 -7.49 7.22 -3.07
CA TYR A 231 -6.59 7.43 -1.95
C TYR A 231 -5.35 8.17 -2.42
N GLN A 232 -5.10 9.30 -1.82
CA GLN A 232 -4.10 10.24 -2.26
C GLN A 232 -2.83 10.08 -1.45
N GLU A 233 -1.68 10.02 -2.14
CA GLU A 233 -0.38 9.97 -1.45
C GLU A 233 -0.02 11.38 -1.05
N VAL A 234 -0.17 11.67 0.22
CA VAL A 234 0.24 12.91 0.82
C VAL A 234 1.09 12.55 2.03
N ILE A 235 2.38 12.94 2.00
CA ILE A 235 3.25 12.70 3.14
C ILE A 235 3.15 13.90 4.05
N ASP A 236 2.52 13.72 5.20
CA ASP A 236 2.29 14.80 6.13
C ASP A 236 2.59 14.28 7.54
N LEU A 237 3.80 14.54 8.00
CA LEU A 237 4.18 14.14 9.35
C LEU A 237 4.08 15.31 10.32
N GLY A 238 3.42 16.38 9.91
CA GLY A 238 3.33 17.61 10.69
C GLY A 238 4.34 18.64 10.25
N GLY A 239 4.14 19.85 10.73
CA GLY A 239 5.12 20.90 10.61
C GLY A 239 5.21 21.56 9.25
N GLU A 240 4.32 21.25 8.33
CA GLU A 240 4.34 21.86 7.01
C GLU A 240 3.04 22.61 6.75
N PRO A 241 3.04 23.55 5.82
CA PRO A 241 1.79 24.27 5.53
C PRO A 241 0.74 23.37 4.88
N ILE A 242 1.16 22.35 4.14
CA ILE A 242 0.24 21.45 3.48
C ILE A 242 -0.10 20.34 4.45
N LYS A 243 -1.39 20.04 4.56
CA LYS A 243 -1.89 19.06 5.52
C LYS A 243 -2.67 17.98 4.77
N SER A 244 -2.61 16.75 5.28
CA SER A 244 -3.39 15.67 4.70
C SER A 244 -4.88 16.05 4.60
N SER A 245 -5.42 16.74 5.60
CA SER A 245 -6.84 17.12 5.58
C SER A 245 -7.17 17.98 4.38
N ASP A 246 -6.19 18.69 3.79
CA ASP A 246 -6.49 19.51 2.63
C ASP A 246 -7.02 18.69 1.46
N TYR A 247 -6.89 17.39 1.52
CA TYR A 247 -7.22 16.53 0.39
C TYR A 247 -8.49 15.71 0.67
N PHE A 248 -9.14 15.91 1.83
CA PHE A 248 -10.29 15.06 2.17
C PHE A 248 -11.48 15.23 1.25
N GLY A 249 -11.63 16.36 0.56
CA GLY A 249 -12.72 16.48 -0.39
C GLY A 249 -12.61 15.53 -1.57
N ASN A 250 -11.42 15.03 -1.85
CA ASN A 250 -11.23 14.18 -3.02
C ASN A 250 -11.23 12.69 -2.71
N GLY A 251 -11.08 12.28 -1.45
CA GLY A 251 -10.94 10.87 -1.13
C GLY A 251 -10.21 10.66 0.17
N ARG A 252 -9.84 9.41 0.39
CA ARG A 252 -8.96 9.08 1.50
C ARG A 252 -7.55 9.59 1.23
N VAL A 253 -6.71 9.53 2.27
CA VAL A 253 -5.35 10.03 2.23
C VAL A 253 -4.45 9.03 2.96
N THR A 254 -3.27 8.80 2.42
CA THR A 254 -2.27 8.00 3.12
C THR A 254 -1.92 8.64 4.44
N GLU A 255 -1.93 7.84 5.52
CA GLU A 255 -1.48 8.31 6.82
C GLU A 255 -0.07 7.80 7.06
N PHE A 256 0.93 8.60 6.67
CA PHE A 256 2.32 8.22 6.87
C PHE A 256 2.71 8.25 8.33
N LYS A 257 1.97 8.95 9.19
CA LYS A 257 2.34 8.90 10.61
C LYS A 257 2.18 7.49 11.16
N TYR A 258 1.29 6.71 10.58
CA TYR A 258 0.91 5.40 11.11
C TYR A 258 2.10 4.47 11.19
N GLY A 259 2.73 4.19 10.06
CA GLY A 259 3.85 3.24 10.07
C GLY A 259 5.10 3.80 10.74
N ALA A 260 5.29 5.12 10.69
CA ALA A 260 6.42 5.74 11.36
C ALA A 260 6.32 5.52 12.85
N LYS A 261 5.14 5.80 13.42
CA LYS A 261 4.99 5.60 14.86
C LYS A 261 4.95 4.13 15.21
N LEU A 262 4.23 3.31 14.46
CA LEU A 262 4.14 1.90 14.80
C LEU A 262 5.51 1.24 14.74
N GLY A 263 6.33 1.60 13.76
CA GLY A 263 7.67 1.04 13.71
C GLY A 263 8.48 1.43 14.92
N THR A 264 8.37 2.68 15.37
CA THR A 264 9.15 3.02 16.55
C THR A 264 8.62 2.32 17.79
N VAL A 265 7.31 2.12 17.90
CA VAL A 265 6.77 1.36 19.04
C VAL A 265 7.29 -0.07 19.04
N ILE A 266 7.18 -0.76 17.89
CA ILE A 266 7.50 -2.19 17.85
C ILE A 266 9.00 -2.42 17.99
N ARG A 267 9.83 -1.47 17.53
CA ARG A 267 11.26 -1.52 17.77
C ARG A 267 11.63 -1.14 19.20
N LYS A 268 10.69 -0.63 19.98
CA LYS A 268 10.94 -0.14 21.34
C LYS A 268 11.99 0.97 21.36
N TRP A 269 11.85 1.86 20.39
CA TRP A 269 12.72 3.02 20.28
C TRP A 269 12.05 4.23 20.91
N ASN A 270 12.89 5.19 21.30
CA ASN A 270 12.42 6.50 21.75
C ASN A 270 11.47 6.40 22.93
N GLY A 271 11.66 5.40 23.77
CA GLY A 271 10.87 5.22 24.97
C GLY A 271 9.48 4.66 24.71
N GLU A 272 9.16 4.28 23.48
CA GLU A 272 7.83 3.83 23.15
C GLU A 272 7.62 2.38 23.57
N LYS A 273 6.36 2.06 23.89
CA LYS A 273 5.99 0.76 24.44
C LYS A 273 4.63 0.39 23.87
N MET A 274 4.40 -0.92 23.73
CA MET A 274 3.12 -1.37 23.18
C MET A 274 1.95 -1.01 24.08
N SER A 275 2.16 -0.84 25.39
CA SER A 275 1.04 -0.45 26.24
C SER A 275 0.47 0.90 25.84
N TYR A 276 1.26 1.77 25.21
CA TYR A 276 0.75 3.06 24.80
C TYR A 276 -0.21 2.94 23.62
N LEU A 277 -0.28 1.77 22.98
CA LEU A 277 -1.17 1.60 21.84
C LEU A 277 -2.63 1.47 22.26
N LYS A 278 -2.95 1.55 23.56
CA LYS A 278 -4.33 1.45 23.99
C LYS A 278 -5.22 2.46 23.30
N ASN A 279 -4.69 3.65 22.97
CA ASN A 279 -5.49 4.68 22.32
C ASN A 279 -5.03 4.95 20.89
N TRP A 280 -4.45 3.93 20.26
CA TRP A 280 -4.01 4.02 18.88
C TRP A 280 -5.12 4.55 17.99
N GLY A 281 -4.72 5.39 17.02
CA GLY A 281 -5.64 5.99 16.09
C GLY A 281 -5.62 7.51 16.24
N GLU A 282 -6.80 8.11 16.24
CA GLU A 282 -6.87 9.55 16.41
C GLU A 282 -6.21 10.00 17.72
N GLY A 283 -6.16 9.15 18.75
CA GLY A 283 -5.51 9.52 20.00
C GLY A 283 -4.03 9.79 19.85
N TRP A 284 -3.39 9.27 18.81
CA TRP A 284 -1.99 9.51 18.52
C TRP A 284 -1.78 10.67 17.55
N GLY A 285 -2.83 11.44 17.30
CA GLY A 285 -2.76 12.61 16.42
C GLY A 285 -3.00 12.30 14.95
N PHE A 286 -3.43 11.09 14.62
CA PHE A 286 -3.66 10.68 13.25
C PHE A 286 -4.98 11.28 12.76
N MET A 287 -5.14 11.24 11.43
CA MET A 287 -6.32 11.80 10.80
C MET A 287 -7.55 10.95 11.14
N PRO A 288 -8.73 11.36 10.75
CA PRO A 288 -9.91 10.53 11.02
C PRO A 288 -9.77 9.16 10.39
N SER A 289 -10.22 8.15 11.14
CA SER A 289 -10.13 6.76 10.70
C SER A 289 -10.83 6.55 9.35
N ASP A 290 -11.91 7.25 9.12
CA ASP A 290 -12.68 7.10 7.87
C ASP A 290 -12.01 7.76 6.66
N ARG A 291 -10.87 8.39 6.83
CA ARG A 291 -10.10 8.91 5.73
C ARG A 291 -8.72 8.29 5.60
N ALA A 292 -8.24 7.59 6.61
CA ALA A 292 -6.87 7.09 6.58
C ALA A 292 -6.73 5.84 5.70
N LEU A 293 -5.70 5.84 4.86
CA LEU A 293 -5.21 4.63 4.20
C LEU A 293 -3.91 4.29 4.93
N VAL A 294 -3.90 3.15 5.61
CA VAL A 294 -2.83 2.82 6.55
C VAL A 294 -2.03 1.67 6.02
N PHE A 295 -0.80 1.57 6.53
CA PHE A 295 0.19 0.61 6.06
C PHE A 295 1.39 0.72 6.98
N VAL A 296 2.16 -0.38 7.05
CA VAL A 296 3.40 -0.40 7.83
C VAL A 296 4.53 0.24 7.04
N ASP A 297 4.73 -0.23 5.82
CA ASP A 297 5.72 0.27 4.87
C ASP A 297 5.02 0.44 3.54
N ASN A 298 5.64 1.26 2.69
CA ASN A 298 5.25 1.34 1.29
C ASN A 298 6.48 1.20 0.42
N HIS A 299 6.29 1.28 -0.91
CA HIS A 299 7.37 0.98 -1.82
C HIS A 299 8.51 2.00 -1.74
N ASP A 300 8.21 3.25 -1.35
CA ASP A 300 9.26 4.26 -1.18
C ASP A 300 10.00 4.05 0.14
N ASN A 301 9.25 3.98 1.23
CA ASN A 301 9.92 4.04 2.54
C ASN A 301 10.50 2.72 2.99
N GLN A 302 10.18 1.59 2.33
CA GLN A 302 10.87 0.35 2.66
C GLN A 302 12.32 0.39 2.18
N ARG A 303 12.69 1.35 1.34
CA ARG A 303 14.03 1.55 0.80
C ARG A 303 14.52 2.97 1.02
N GLY A 304 13.97 3.67 2.01
CA GLY A 304 14.51 4.98 2.38
C GLY A 304 14.10 6.15 1.49
N HIS A 305 13.21 5.93 0.54
CA HIS A 305 12.71 7.02 -0.30
C HIS A 305 11.46 7.63 0.33
N GLY A 306 10.92 8.65 -0.36
CA GLY A 306 9.81 9.40 0.18
C GLY A 306 10.29 10.13 1.41
N ALA A 307 9.52 10.02 2.49
CA ALA A 307 9.95 10.55 3.78
C ALA A 307 10.94 9.63 4.47
N GLY A 308 11.10 8.41 3.97
CA GLY A 308 11.98 7.46 4.61
C GLY A 308 11.62 7.28 6.07
N GLY A 309 12.64 7.34 6.93
CA GLY A 309 12.51 7.07 8.35
C GLY A 309 13.18 5.77 8.77
N ALA A 310 14.10 5.86 9.73
CA ALA A 310 14.80 4.67 10.20
C ALA A 310 13.87 3.71 10.94
N SER A 311 12.73 4.17 11.44
CA SER A 311 11.89 3.27 12.20
C SER A 311 11.03 2.38 11.35
N ILE A 312 10.92 2.63 10.03
CA ILE A 312 10.03 1.85 9.19
C ILE A 312 10.41 0.38 9.24
N LEU A 313 9.42 -0.47 9.46
CA LEU A 313 9.59 -1.92 9.44
C LEU A 313 9.27 -2.47 8.06
N THR A 314 10.05 -3.47 7.63
CA THR A 314 9.93 -4.10 6.32
C THR A 314 10.17 -5.58 6.46
N PHE A 315 10.01 -6.29 5.35
CA PHE A 315 10.28 -7.71 5.32
C PHE A 315 11.69 -8.07 5.75
N TRP A 316 12.66 -7.15 5.58
CA TRP A 316 14.02 -7.41 6.04
C TRP A 316 14.08 -7.64 7.55
N ASP A 317 13.13 -7.06 8.29
CA ASP A 317 12.99 -7.21 9.74
C ASP A 317 11.77 -8.09 9.99
N ALA A 318 11.78 -9.30 9.46
CA ALA A 318 10.55 -10.08 9.29
C ALA A 318 9.79 -10.31 10.61
N ARG A 319 10.49 -10.64 11.70
CA ARG A 319 9.80 -10.97 12.95
C ARG A 319 9.00 -9.77 13.46
N LEU A 320 9.66 -8.62 13.60
CA LEU A 320 8.95 -7.42 14.02
C LEU A 320 7.94 -6.94 12.99
N TYR A 321 8.23 -7.14 11.71
CA TYR A 321 7.31 -6.74 10.64
C TYR A 321 5.99 -7.48 10.76
N LYS A 322 6.05 -8.78 10.96
CA LYS A 322 4.82 -9.56 11.09
C LYS A 322 4.01 -9.07 12.26
N MET A 323 4.66 -8.70 13.36
CA MET A 323 3.95 -8.19 14.53
C MET A 323 3.27 -6.87 14.23
N ALA A 324 3.97 -5.95 13.58
CA ALA A 324 3.40 -4.66 13.21
C ALA A 324 2.23 -4.83 12.25
N VAL A 325 2.39 -5.65 11.20
CA VAL A 325 1.31 -5.89 10.25
C VAL A 325 0.12 -6.52 10.98
N GLY A 326 0.38 -7.45 11.88
CA GLY A 326 -0.68 -8.10 12.63
C GLY A 326 -1.45 -7.12 13.50
N PHE A 327 -0.73 -6.24 14.21
CA PHE A 327 -1.41 -5.23 15.01
C PHE A 327 -2.29 -4.36 14.13
N MET A 328 -1.73 -3.89 13.01
CA MET A 328 -2.49 -3.05 12.08
C MET A 328 -3.76 -3.75 11.63
N LEU A 329 -3.65 -5.00 11.18
CA LEU A 329 -4.80 -5.71 10.63
C LEU A 329 -5.83 -6.04 11.70
N ALA A 330 -5.43 -6.15 12.96
CA ALA A 330 -6.41 -6.43 14.00
C ALA A 330 -7.12 -5.16 14.48
N HIS A 331 -6.46 -4.01 14.38
CA HIS A 331 -6.96 -2.79 14.98
C HIS A 331 -7.94 -2.09 14.05
N PRO A 332 -9.07 -1.54 14.56
CA PRO A 332 -10.10 -1.01 13.64
C PRO A 332 -9.69 0.25 12.88
N TYR A 333 -8.65 0.96 13.28
CA TYR A 333 -8.33 2.24 12.64
C TYR A 333 -7.94 2.06 11.17
N GLY A 334 -8.56 2.88 10.30
CA GLY A 334 -8.09 3.02 8.93
C GLY A 334 -8.50 1.88 7.98
N PHE A 335 -8.20 2.11 6.70
CA PHE A 335 -8.35 1.10 5.66
C PHE A 335 -6.95 0.57 5.34
N THR A 336 -6.75 -0.74 5.46
CA THR A 336 -5.43 -1.34 5.46
C THR A 336 -4.91 -1.77 4.08
N ARG A 337 -3.63 -1.45 3.84
CA ARG A 337 -2.88 -1.89 2.67
C ARG A 337 -1.68 -2.68 3.14
N VAL A 338 -1.56 -3.90 2.63
CA VAL A 338 -0.42 -4.78 2.88
C VAL A 338 0.55 -4.66 1.71
N MET A 339 1.83 -4.59 2.02
CA MET A 339 2.86 -4.52 1.00
C MET A 339 3.29 -5.91 0.53
N SER A 340 3.61 -6.05 -0.76
CA SER A 340 4.23 -7.25 -1.28
C SER A 340 5.40 -6.82 -2.13
N SER A 341 6.60 -7.34 -1.82
CA SER A 341 7.87 -6.76 -2.26
C SER A 341 8.69 -7.75 -3.06
N TYR A 342 9.79 -7.24 -3.62
CA TYR A 342 10.86 -8.09 -4.10
C TYR A 342 12.15 -7.84 -3.32
N ARG A 343 13.01 -8.83 -3.34
CA ARG A 343 14.32 -8.69 -2.71
C ARG A 343 15.25 -8.02 -3.71
N TRP A 344 16.17 -7.23 -3.18
CA TRP A 344 17.20 -6.58 -3.96
C TRP A 344 18.47 -6.63 -3.12
N PRO A 345 19.64 -6.45 -3.74
CA PRO A 345 20.90 -6.56 -2.97
C PRO A 345 21.21 -5.31 -2.18
N ARG A 346 20.44 -5.11 -1.12
CA ARG A 346 20.61 -3.99 -0.22
C ARG A 346 22.04 -3.96 0.31
N GLN A 347 22.69 -2.81 0.13
CA GLN A 347 24.11 -2.65 0.49
C GLN A 347 24.32 -1.26 1.05
N PHE A 348 24.72 -1.19 2.31
CA PHE A 348 24.82 0.08 3.01
C PHE A 348 26.26 0.60 2.94
N GLN A 349 26.41 1.81 2.42
CA GLN A 349 27.70 2.49 2.41
C GLN A 349 27.48 3.82 3.09
N ASN A 350 28.35 4.13 4.03
CA ASN A 350 28.06 5.16 5.03
C ASN A 350 26.76 4.69 5.68
N GLY A 351 25.67 5.44 5.58
CA GLY A 351 24.43 5.00 6.16
C GLY A 351 23.30 4.83 5.17
N ASN A 352 23.60 4.67 3.88
CA ASN A 352 22.57 4.62 2.86
C ASN A 352 22.72 3.39 1.99
N ASP A 353 21.59 2.85 1.57
CA ASP A 353 21.54 1.70 0.67
C ASP A 353 21.84 2.21 -0.74
N VAL A 354 23.04 1.93 -1.23
CA VAL A 354 23.43 2.34 -2.58
C VAL A 354 22.69 1.60 -3.67
N ASN A 355 21.96 0.54 -3.32
CA ASN A 355 21.15 -0.21 -4.27
C ASN A 355 19.65 0.00 -4.06
N ASP A 356 19.28 1.13 -3.45
CA ASP A 356 17.87 1.49 -3.23
C ASP A 356 17.12 1.75 -4.52
N TRP A 357 17.83 1.83 -5.65
CA TRP A 357 17.25 2.06 -6.97
C TRP A 357 16.87 0.77 -7.68
N VAL A 358 17.42 -0.37 -7.24
CA VAL A 358 17.26 -1.60 -8.01
C VAL A 358 15.80 -1.92 -8.28
N GLY A 359 15.49 -2.23 -9.54
CA GLY A 359 14.18 -2.62 -9.98
C GLY A 359 13.85 -4.07 -9.68
N PRO A 360 12.72 -4.54 -10.17
CA PRO A 360 12.28 -5.90 -9.85
C PRO A 360 13.22 -6.94 -10.40
N PRO A 361 13.14 -8.17 -9.91
CA PRO A 361 13.93 -9.27 -10.46
C PRO A 361 13.75 -9.32 -11.97
N ASN A 362 14.87 -9.46 -12.69
CA ASN A 362 14.80 -9.28 -14.13
C ASN A 362 15.93 -10.05 -14.78
N ASN A 363 15.74 -10.37 -16.04
CA ASN A 363 16.80 -10.89 -16.91
C ASN A 363 16.98 -9.87 -18.02
N ASN A 364 18.08 -9.13 -17.97
CA ASN A 364 18.37 -8.12 -18.98
C ASN A 364 17.20 -7.16 -19.17
N GLY A 365 16.56 -6.83 -18.05
CA GLY A 365 15.52 -5.84 -18.00
C GLY A 365 14.11 -6.38 -18.16
N VAL A 366 13.95 -7.65 -18.52
CA VAL A 366 12.64 -8.29 -18.62
C VAL A 366 12.26 -8.79 -17.22
N ILE A 367 11.12 -8.31 -16.71
CA ILE A 367 10.70 -8.71 -15.37
C ILE A 367 10.45 -10.21 -15.29
N LYS A 368 10.95 -10.81 -14.20
CA LYS A 368 10.78 -12.24 -13.99
CA LYS A 368 10.78 -12.24 -13.97
C LYS A 368 9.36 -12.58 -13.54
N GLU A 369 8.88 -13.72 -13.99
CA GLU A 369 7.62 -14.27 -13.51
C GLU A 369 7.66 -14.52 -12.01
N VAL A 370 6.49 -14.39 -11.37
CA VAL A 370 6.33 -14.85 -10.01
C VAL A 370 6.10 -16.36 -10.04
N THR A 371 7.09 -17.10 -9.63
CA THR A 371 6.94 -18.55 -9.54
C THR A 371 6.48 -18.90 -8.14
N ILE A 372 5.68 -19.95 -8.04
CA ILE A 372 5.11 -20.37 -6.76
C ILE A 372 5.78 -21.66 -6.34
N ASN A 373 6.39 -21.64 -5.19
CA ASN A 373 7.04 -22.82 -4.62
C ASN A 373 6.02 -23.78 -4.02
N PRO A 374 6.42 -25.04 -3.77
CA PRO A 374 5.46 -26.00 -3.19
C PRO A 374 4.92 -25.60 -1.84
N ASP A 375 5.69 -24.88 -1.01
CA ASP A 375 5.18 -24.44 0.28
C ASP A 375 4.36 -23.14 0.18
N THR A 376 4.05 -22.67 -1.02
CA THR A 376 3.19 -21.51 -1.31
C THR A 376 3.92 -20.19 -1.18
N THR A 377 5.21 -20.18 -0.88
CA THR A 377 6.00 -18.96 -1.01
C THR A 377 6.33 -18.76 -2.49
N CYS A 378 7.04 -17.68 -2.79
CA CYS A 378 7.39 -17.33 -4.16
C CYS A 378 8.89 -17.47 -4.42
N GLY A 379 9.20 -17.79 -5.67
CA GLY A 379 10.56 -17.82 -6.18
C GLY A 379 10.89 -16.56 -6.95
N ASN A 380 12.04 -16.62 -7.62
CA ASN A 380 12.55 -15.56 -8.48
C ASN A 380 12.71 -14.25 -7.73
N ASP A 381 12.99 -14.32 -6.43
CA ASP A 381 13.31 -13.17 -5.58
C ASP A 381 12.12 -12.29 -5.27
N TRP A 382 10.90 -12.76 -5.54
CA TRP A 382 9.69 -12.13 -5.04
C TRP A 382 9.46 -12.55 -3.59
N VAL A 383 9.25 -11.58 -2.72
CA VAL A 383 9.10 -11.85 -1.29
C VAL A 383 7.72 -12.38 -0.95
N CYS A 384 6.68 -11.85 -1.57
CA CYS A 384 5.32 -12.34 -1.36
C CYS A 384 4.92 -12.34 0.12
N GLU A 385 5.10 -11.20 0.80
CA GLU A 385 4.66 -11.08 2.19
C GLU A 385 3.20 -11.43 2.36
N HIS A 386 2.38 -11.17 1.34
CA HIS A 386 0.96 -11.42 1.43
C HIS A 386 0.64 -12.90 1.46
N ARG A 387 1.61 -13.76 1.13
CA ARG A 387 1.51 -15.21 1.23
C ARG A 387 2.12 -15.75 2.53
N TRP A 388 2.79 -14.92 3.32
CA TRP A 388 3.27 -15.40 4.61
C TRP A 388 2.05 -15.75 5.44
N ARG A 389 2.05 -16.93 6.05
CA ARG A 389 0.86 -17.37 6.78
C ARG A 389 0.37 -16.34 7.79
N GLN A 390 1.33 -15.75 8.53
CA GLN A 390 0.99 -14.84 9.61
C GLN A 390 0.32 -13.58 9.10
N ILE A 391 0.62 -13.18 7.87
CA ILE A 391 0.00 -12.00 7.28
C ILE A 391 -1.29 -12.38 6.58
N ARG A 392 -1.27 -13.39 5.73
CA ARG A 392 -2.48 -13.85 5.09
C ARG A 392 -3.60 -14.15 6.10
N ASN A 393 -3.26 -14.78 7.23
CA ASN A 393 -4.31 -15.10 8.18
C ASN A 393 -4.80 -13.87 8.92
N MET A 394 -3.96 -12.86 9.08
CA MET A 394 -4.42 -11.61 9.66
C MET A 394 -5.30 -10.79 8.71
N VAL A 395 -5.08 -10.94 7.40
CA VAL A 395 -6.01 -10.35 6.42
C VAL A 395 -7.40 -10.94 6.61
N ILE A 396 -7.47 -12.25 6.86
CA ILE A 396 -8.76 -12.87 7.10
C ILE A 396 -9.32 -12.48 8.46
N PHE A 397 -8.47 -12.39 9.50
CA PHE A 397 -8.91 -11.88 10.79
C PHE A 397 -9.66 -10.56 10.64
N ARG A 398 -9.09 -9.63 9.87
CA ARG A 398 -9.71 -8.32 9.72
C ARG A 398 -11.08 -8.46 9.07
N ASN A 399 -11.21 -9.35 8.07
CA ASN A 399 -12.52 -9.58 7.45
C ASN A 399 -13.52 -10.12 8.49
N VAL A 400 -13.09 -11.10 9.28
CA VAL A 400 -14.00 -11.80 10.19
C VAL A 400 -14.54 -10.84 11.25
N VAL A 401 -13.70 -9.90 11.69
CA VAL A 401 -14.05 -9.00 12.80
C VAL A 401 -14.61 -7.66 12.31
N ASP A 402 -14.76 -7.49 11.00
CA ASP A 402 -15.16 -6.22 10.41
C ASP A 402 -16.39 -5.67 11.12
N GLY A 403 -16.31 -4.40 11.53
CA GLY A 403 -17.41 -3.73 12.19
C GLY A 403 -17.47 -3.89 13.69
N GLN A 404 -16.67 -4.79 14.28
CA GLN A 404 -16.74 -5.06 15.69
C GLN A 404 -15.89 -4.07 16.47
N PRO A 405 -16.33 -3.69 17.67
CA PRO A 405 -15.60 -2.65 18.41
C PRO A 405 -14.34 -3.18 19.08
N PHE A 406 -13.36 -2.29 19.16
CA PHE A 406 -12.19 -2.50 19.99
C PHE A 406 -12.60 -2.63 21.45
N THR A 407 -12.19 -3.71 22.11
CA THR A 407 -12.66 -4.00 23.46
C THR A 407 -11.69 -4.97 24.14
N ASN A 408 -11.92 -5.17 25.43
CA ASN A 408 -11.15 -6.15 26.20
C ASN A 408 -9.64 -5.92 26.09
N TRP A 409 -9.23 -4.64 26.16
CA TRP A 409 -7.82 -4.32 26.16
C TRP A 409 -7.16 -4.72 27.48
N TYR A 410 -5.97 -5.30 27.37
CA TYR A 410 -5.10 -5.61 28.50
C TYR A 410 -3.71 -5.06 28.20
N ASP A 411 -3.02 -4.54 29.23
CA ASP A 411 -1.59 -4.36 29.11
C ASP A 411 -0.93 -4.54 30.48
N ASN A 412 0.35 -4.85 30.44
CA ASN A 412 1.17 -5.03 31.62
C ASN A 412 1.98 -3.77 31.97
N GLY A 413 1.65 -2.63 31.38
CA GLY A 413 2.42 -1.42 31.61
C GLY A 413 3.71 -1.34 30.83
N SER A 414 3.99 -2.33 29.98
CA SER A 414 5.22 -2.38 29.22
C SER A 414 4.91 -2.78 27.78
N ASN A 415 5.23 -4.01 27.36
CA ASN A 415 5.05 -4.43 25.98
C ASN A 415 4.29 -5.74 25.84
N GLN A 416 3.50 -6.12 26.85
CA GLN A 416 2.61 -7.28 26.74
C GLN A 416 1.18 -6.76 26.72
N VAL A 417 0.51 -6.93 25.58
CA VAL A 417 -0.80 -6.32 25.36
C VAL A 417 -1.71 -7.33 24.68
N ALA A 418 -3.02 -7.10 24.80
CA ALA A 418 -4.01 -7.92 24.13
C ALA A 418 -5.26 -7.09 23.92
N PHE A 419 -6.04 -7.44 22.91
CA PHE A 419 -7.34 -6.82 22.76
C PHE A 419 -8.22 -7.67 21.87
N GLY A 420 -9.52 -7.39 21.97
CA GLY A 420 -10.51 -8.09 21.18
C GLY A 420 -11.21 -7.16 20.22
N ARG A 421 -11.96 -7.79 19.32
CA ARG A 421 -12.84 -7.11 18.39
C ARG A 421 -14.22 -7.70 18.58
N GLY A 422 -15.03 -6.98 19.34
CA GLY A 422 -16.31 -7.51 19.79
C GLY A 422 -16.21 -8.92 20.32
N ASN A 423 -17.13 -9.77 19.86
CA ASN A 423 -17.12 -11.18 20.21
C ASN A 423 -16.58 -12.05 19.08
N ARG A 424 -15.81 -11.47 18.14
CA ARG A 424 -15.39 -12.19 16.93
C ARG A 424 -13.91 -12.45 16.82
N GLY A 425 -13.04 -11.76 17.56
CA GLY A 425 -11.62 -12.04 17.46
C GLY A 425 -10.87 -11.50 18.65
N PHE A 426 -9.68 -12.04 18.89
CA PHE A 426 -8.85 -11.64 20.02
C PHE A 426 -7.39 -11.85 19.61
N ILE A 427 -6.52 -10.95 20.03
CA ILE A 427 -5.11 -11.00 19.66
C ILE A 427 -4.25 -10.63 20.88
N VAL A 428 -3.09 -11.25 20.99
CA VAL A 428 -2.22 -11.16 22.16
C VAL A 428 -0.79 -11.00 21.66
N PHE A 429 -0.06 -10.01 22.18
CA PHE A 429 1.30 -9.73 21.75
C PHE A 429 2.25 -9.72 22.96
N ASN A 430 3.45 -10.28 22.77
CA ASN A 430 4.52 -10.17 23.75
C ASN A 430 5.76 -9.57 23.10
N ASN A 431 5.98 -8.27 23.34
CA ASN A 431 7.21 -7.63 22.88
C ASN A 431 8.11 -7.23 24.04
N ASP A 432 7.97 -7.89 25.20
CA ASP A 432 8.90 -7.69 26.30
C ASP A 432 9.92 -8.82 26.31
N ASP A 433 10.99 -8.60 27.08
CA ASP A 433 12.11 -9.55 27.21
C ASP A 433 11.89 -10.61 28.29
N TRP A 434 10.65 -11.04 28.50
CA TRP A 434 10.31 -12.13 29.40
C TRP A 434 9.02 -12.73 28.88
N SER A 435 8.66 -13.88 29.43
N SER A 435 8.66 -13.89 29.44
CA SER A 435 7.50 -14.61 28.93
CA SER A 435 7.50 -14.64 28.97
C SER A 435 6.22 -13.93 29.37
C SER A 435 6.20 -13.95 29.38
N PHE A 436 5.20 -14.00 28.50
CA PHE A 436 3.85 -13.51 28.78
C PHE A 436 3.01 -14.76 29.06
N SER A 437 2.65 -14.97 30.32
CA SER A 437 1.84 -16.13 30.69
C SER A 437 0.71 -15.64 31.58
N LEU A 438 -0.51 -15.69 31.05
CA LEU A 438 -1.64 -15.07 31.71
C LEU A 438 -2.96 -15.59 31.15
N THR A 439 -3.96 -15.68 32.02
CA THR A 439 -5.34 -15.93 31.61
C THR A 439 -6.04 -14.59 31.42
N LEU A 440 -6.64 -14.40 30.23
CA LEU A 440 -7.26 -13.16 29.81
C LEU A 440 -8.70 -13.37 29.38
N GLN A 441 -9.53 -12.35 29.62
CA GLN A 441 -10.87 -12.29 29.03
C GLN A 441 -10.75 -12.01 27.53
N THR A 442 -11.27 -12.93 26.71
CA THR A 442 -11.17 -12.80 25.25
C THR A 442 -12.41 -12.21 24.61
N GLY A 443 -13.54 -12.20 25.30
CA GLY A 443 -14.80 -11.80 24.70
C GLY A 443 -15.42 -12.81 23.75
N LEU A 444 -14.79 -13.98 23.54
CA LEU A 444 -15.26 -14.92 22.57
C LEU A 444 -16.12 -16.01 23.19
N PRO A 445 -16.99 -16.64 22.40
CA PRO A 445 -17.69 -17.85 22.87
C PRO A 445 -16.72 -18.98 23.21
N ALA A 446 -17.13 -19.78 24.20
CA ALA A 446 -16.33 -20.92 24.62
C ALA A 446 -16.06 -21.87 23.46
N GLY A 447 -14.86 -22.46 23.49
CA GLY A 447 -14.49 -23.41 22.47
C GLY A 447 -12.99 -23.49 22.30
N THR A 448 -12.59 -24.30 21.34
CA THR A 448 -11.20 -24.50 20.97
C THR A 448 -10.96 -23.71 19.69
N TYR A 449 -9.98 -22.82 19.71
CA TYR A 449 -9.66 -21.98 18.58
C TYR A 449 -8.25 -22.25 18.10
N CYS A 450 -8.08 -22.32 16.79
CA CYS A 450 -6.73 -22.35 16.20
C CYS A 450 -6.12 -20.96 16.22
N ASP A 451 -4.90 -20.88 16.74
CA ASP A 451 -4.08 -19.71 16.56
C ASP A 451 -3.69 -19.59 15.09
N VAL A 452 -4.12 -18.52 14.44
CA VAL A 452 -3.89 -18.35 12.99
C VAL A 452 -2.53 -17.75 12.69
N ILE A 453 -1.74 -17.42 13.70
CA ILE A 453 -0.36 -16.98 13.47
C ILE A 453 0.55 -18.20 13.28
N SER A 454 0.46 -19.16 14.21
CA SER A 454 1.31 -20.34 14.14
C SER A 454 0.80 -21.42 13.19
N GLY A 455 -0.46 -21.38 12.80
CA GLY A 455 -1.04 -22.46 12.02
C GLY A 455 -2.34 -22.05 11.36
N ASP A 456 -3.08 -23.09 10.96
CA ASP A 456 -4.32 -22.95 10.21
C ASP A 456 -5.36 -23.91 10.77
N LYS A 457 -6.64 -23.60 10.59
CA LYS A 457 -7.73 -24.55 10.80
C LYS A 457 -7.97 -25.35 9.52
N ILE A 458 -8.00 -26.68 9.65
CA ILE A 458 -8.30 -27.57 8.53
C ILE A 458 -8.86 -28.88 9.08
N ASN A 459 -9.91 -29.39 8.43
CA ASN A 459 -10.46 -30.71 8.73
C ASN A 459 -10.79 -30.89 10.22
N GLY A 460 -11.36 -29.85 10.83
CA GLY A 460 -11.71 -29.96 12.22
C GLY A 460 -10.55 -30.03 13.18
N ASN A 461 -9.36 -29.62 12.74
CA ASN A 461 -8.22 -29.55 13.64
C ASN A 461 -7.38 -28.33 13.28
N CYS A 462 -6.32 -28.13 14.05
CA CYS A 462 -5.41 -26.99 13.93
C CYS A 462 -4.04 -27.50 13.57
N THR A 463 -3.31 -26.78 12.75
CA THR A 463 -1.94 -27.20 12.44
C THR A 463 -0.91 -26.52 13.32
N GLY A 464 -1.29 -25.52 14.09
CA GLY A 464 -0.39 -24.90 15.06
C GLY A 464 -0.92 -24.95 16.49
N ILE A 465 -0.73 -23.84 17.22
CA ILE A 465 -1.23 -23.74 18.57
C ILE A 465 -2.76 -23.74 18.64
N LYS A 466 -3.28 -24.27 19.76
CA LYS A 466 -4.70 -24.27 20.08
C LYS A 466 -4.91 -23.45 21.34
N ILE A 467 -5.92 -22.59 21.33
CA ILE A 467 -6.32 -21.80 22.49
C ILE A 467 -7.67 -22.29 22.96
N TYR A 468 -7.82 -22.43 24.25
CA TYR A 468 -9.03 -23.00 24.85
C TYR A 468 -9.78 -21.93 25.64
N VAL A 469 -10.90 -21.48 25.11
CA VAL A 469 -11.71 -20.45 25.75
C VAL A 469 -12.78 -21.11 26.60
N SER A 470 -12.86 -20.73 27.88
CA SER A 470 -13.82 -21.27 28.84
C SER A 470 -15.19 -20.60 28.67
N ASP A 471 -16.17 -21.10 29.46
CA ASP A 471 -17.53 -20.60 29.37
C ASP A 471 -17.62 -19.14 29.75
N ASP A 472 -16.72 -18.66 30.59
CA ASP A 472 -16.71 -17.26 30.97
C ASP A 472 -15.94 -16.38 30.02
N GLY A 473 -15.41 -16.96 28.92
CA GLY A 473 -14.68 -16.20 27.93
C GLY A 473 -13.19 -16.07 28.19
N LYS A 474 -12.69 -16.63 29.28
CA LYS A 474 -11.27 -16.53 29.59
C LYS A 474 -10.48 -17.64 28.93
N ALA A 475 -9.24 -17.34 28.57
CA ALA A 475 -8.33 -18.33 27.99
C ALA A 475 -6.92 -18.02 28.46
N HIS A 476 -6.12 -19.08 28.58
CA HIS A 476 -4.72 -18.91 28.93
C HIS A 476 -3.85 -18.76 27.69
N PHE A 477 -2.89 -17.84 27.78
CA PHE A 477 -1.93 -17.60 26.71
C PHE A 477 -0.54 -17.64 27.31
N SER A 478 0.38 -18.36 26.64
CA SER A 478 1.77 -18.41 27.02
C SER A 478 2.59 -18.11 25.78
N ILE A 479 3.36 -17.03 25.81
CA ILE A 479 4.17 -16.59 24.67
C ILE A 479 5.56 -16.27 25.21
N SER A 480 6.53 -17.10 24.86
CA SER A 480 7.92 -16.80 25.19
C SER A 480 8.43 -15.58 24.44
N ASN A 481 9.30 -14.81 25.08
CA ASN A 481 9.95 -13.72 24.38
C ASN A 481 10.91 -14.22 23.30
N SER A 482 11.28 -15.50 23.34
CA SER A 482 12.10 -16.11 22.30
C SER A 482 11.26 -16.63 21.14
N ALA A 483 9.95 -16.51 21.20
CA ALA A 483 9.12 -17.03 20.12
C ALA A 483 9.49 -16.38 18.80
N GLU A 484 9.53 -17.20 17.74
CA GLU A 484 9.75 -16.67 16.40
C GLU A 484 8.64 -15.69 16.01
N ASP A 485 7.39 -15.99 16.38
CA ASP A 485 6.26 -15.07 16.20
C ASP A 485 5.63 -14.86 17.57
N PRO A 486 5.97 -13.78 18.30
CA PRO A 486 5.53 -13.64 19.68
C PRO A 486 4.15 -12.99 19.78
N PHE A 487 3.20 -13.50 19.00
CA PHE A 487 1.82 -13.05 19.04
C PHE A 487 0.90 -14.17 18.61
N ILE A 488 -0.30 -14.16 19.14
CA ILE A 488 -1.31 -15.18 18.91
C ILE A 488 -2.61 -14.49 18.55
N ALA A 489 -3.32 -15.04 17.57
CA ALA A 489 -4.59 -14.44 17.14
C ALA A 489 -5.63 -15.54 16.89
N ILE A 490 -6.84 -15.34 17.40
CA ILE A 490 -7.93 -16.30 17.24
C ILE A 490 -9.19 -15.54 16.82
N HIS A 491 -10.08 -16.19 16.08
CA HIS A 491 -11.31 -15.53 15.63
C HIS A 491 -12.39 -16.54 15.35
N ALA A 492 -13.59 -16.00 15.09
CA ALA A 492 -14.77 -16.85 14.95
C ALA A 492 -14.59 -17.95 13.91
N GLU A 493 -13.87 -17.69 12.83
CA GLU A 493 -13.71 -18.70 11.80
C GLU A 493 -12.50 -19.60 12.04
N SER A 494 -11.75 -19.40 13.12
CA SER A 494 -10.72 -20.37 13.51
C SER A 494 -11.17 -21.28 14.64
N LYS A 495 -12.43 -21.17 15.06
CA LYS A 495 -13.00 -22.03 16.09
C LYS A 495 -13.29 -23.40 15.51
N LEU A 496 -12.92 -24.45 16.24
CA LEU A 496 -13.25 -25.81 15.82
C LEU A 496 -14.70 -26.12 16.14
#